data_2QJV
#
_entry.id   2QJV
#
_cell.length_a   200.140
_cell.length_b   200.140
_cell.length_c   200.140
_cell.angle_alpha   90.000
_cell.angle_beta   90.000
_cell.angle_gamma   90.000
#
_symmetry.space_group_name_H-M   'I 2 3'
#
loop_
_entity.id
_entity.type
_entity.pdbx_description
1 polymer 'Uncharacterized IolB-like protein'
2 non-polymer 'NICKEL (II) ION'
3 non-polymer 'CHLORIDE ION'
4 non-polymer 'SULFATE ION'
5 non-polymer GLYCEROL
6 water water
#
_entity_poly.entity_id   1
_entity_poly.type   'polypeptide(L)'
_entity_poly.pdbx_seq_one_letter_code
;G(MSE)ANLLSTCTSESGNIQHISPQNAGWEYVGFDVWQL(MLY)AGESITLPSDERERCLVLVAGLASV(MLY)AADSF
FYRIGQR(MSE)SPFERIPAYSVYLPHHTEA(MLY)VTAETDLELAVCSAPGFGELPVRLISPQEVGVEHRG(MLY)GRN
QRLVHNILPDSQLADSLLVVEVYTNAGATSSWPAH(MLY)HDTAVEGQETYLEETYYHRFNPPQGFCLQRVYTDDRSLDE
C(MSE)AVYNRDVV(MLY)VP(MLY)GYHPVATIAGYDNYYLNV(MSE)AGPLR(MLY)WRFTWEENHAWINSPDYPR
;
_entity_poly.pdbx_strand_id   A,B
#
# COMPACT_ATOMS: atom_id res chain seq x y z
N ALA A 3 1.94 -8.63 15.12
CA ALA A 3 2.12 -7.33 15.84
C ALA A 3 0.85 -6.47 15.70
N ASN A 4 0.64 -5.55 16.64
CA ASN A 4 -0.53 -4.62 16.65
C ASN A 4 -0.08 -3.15 16.64
N LEU A 5 0.23 -2.64 15.46
CA LEU A 5 0.82 -1.32 15.33
C LEU A 5 -0.19 -0.21 15.02
N LEU A 6 -1.42 -0.59 14.69
CA LEU A 6 -2.45 0.37 14.33
C LEU A 6 -3.36 0.66 15.52
N SER A 7 -3.60 1.93 15.77
CA SER A 7 -4.53 2.35 16.79
C SER A 7 -5.62 3.25 16.14
N THR A 8 -6.84 2.77 16.00
CA THR A 8 -7.91 3.55 15.36
C THR A 8 -8.51 4.48 16.42
N CYS A 9 -9.17 5.56 16.03
N CYS A 9 -9.07 5.63 16.06
CA CYS A 9 -9.78 6.46 17.05
CA CYS A 9 -9.55 6.53 17.16
C CYS A 9 -10.82 5.76 17.96
C CYS A 9 -10.81 5.95 17.92
N THR A 10 -10.72 6.05 19.26
CA THR A 10 -11.67 5.46 20.24
C THR A 10 -13.03 6.17 20.34
N SER A 11 -13.12 7.39 19.78
CA SER A 11 -14.33 8.25 19.78
C SER A 11 -14.26 9.36 18.71
N GLU A 12 -15.33 10.13 18.56
CA GLU A 12 -15.32 11.28 17.67
C GLU A 12 -14.93 12.59 18.38
N SER A 13 -15.15 12.62 19.70
CA SER A 13 -14.83 13.82 20.49
C SER A 13 -14.00 13.47 21.74
N GLY A 14 -13.38 14.50 22.31
CA GLY A 14 -12.49 14.30 23.46
C GLY A 14 -11.13 13.79 23.08
N ASN A 15 -10.58 12.89 23.91
CA ASN A 15 -9.22 12.35 23.74
C ASN A 15 -9.22 11.15 22.77
N ILE A 16 -9.45 11.47 21.50
CA ILE A 16 -9.69 10.44 20.44
C ILE A 16 -8.49 9.53 20.18
N GLN A 17 -7.30 10.06 20.47
CA GLN A 17 -6.06 9.26 20.39
C GLN A 17 -5.25 9.40 21.69
N HIS A 18 -4.87 8.26 22.26
CA HIS A 18 -4.07 8.22 23.48
C HIS A 18 -3.02 7.09 23.35
N ILE A 19 -1.81 7.51 22.97
N ILE A 19 -1.82 7.49 22.92
CA ILE A 19 -0.70 6.59 22.79
CA ILE A 19 -0.68 6.58 22.76
C ILE A 19 0.36 6.95 23.83
C ILE A 19 0.36 6.94 23.82
N SER A 20 0.70 5.98 24.67
CA SER A 20 1.66 6.20 25.75
C SER A 20 2.76 5.18 25.66
N PRO A 21 3.92 5.48 26.25
CA PRO A 21 4.94 4.43 26.31
C PRO A 21 4.40 3.10 26.91
N GLN A 22 3.53 3.21 27.91
CA GLN A 22 2.96 2.04 28.57
C GLN A 22 2.06 1.20 27.65
N ASN A 23 1.22 1.85 26.84
CA ASN A 23 0.36 1.08 25.93
C ASN A 23 1.02 0.78 24.56
N ALA A 24 2.13 1.45 24.24
CA ALA A 24 2.87 1.24 22.98
C ALA A 24 3.94 0.16 23.14
N GLY A 25 4.28 -0.20 24.38
CA GLY A 25 5.33 -1.20 24.59
C GLY A 25 6.72 -0.62 24.32
N TRP A 26 6.91 0.64 24.66
CA TRP A 26 8.21 1.28 24.44
C TRP A 26 8.57 2.28 25.59
N GLU A 27 9.54 3.15 25.35
CA GLU A 27 10.14 3.94 26.45
C GLU A 27 10.03 5.45 26.46
N TYR A 28 9.77 6.08 25.32
CA TYR A 28 9.83 7.54 25.23
C TYR A 28 8.58 8.26 24.74
N VAL A 29 8.14 7.92 23.54
CA VAL A 29 7.09 8.70 22.87
C VAL A 29 5.65 8.51 23.41
N GLY A 30 5.04 9.65 23.64
CA GLY A 30 3.62 9.75 23.93
C GLY A 30 2.99 10.63 22.85
N PHE A 31 1.78 10.28 22.45
CA PHE A 31 1.05 11.07 21.48
C PHE A 31 -0.46 11.06 21.81
N ASP A 32 -1.02 12.24 21.98
CA ASP A 32 -2.42 12.42 22.25
C ASP A 32 -3.08 13.37 21.27
N VAL A 33 -4.33 13.08 20.93
CA VAL A 33 -5.13 14.00 20.14
C VAL A 33 -6.43 14.27 20.91
N TRP A 34 -6.81 15.54 20.91
CA TRP A 34 -7.99 16.03 21.55
C TRP A 34 -8.83 16.75 20.51
N GLN A 35 -10.09 16.34 20.39
CA GLN A 35 -11.05 16.99 19.51
C GLN A 35 -12.02 17.75 20.41
N LEU A 36 -11.87 19.08 20.41
CA LEU A 36 -12.64 19.94 21.29
C LEU A 36 -13.59 20.88 20.53
N ALA A 38 -15.52 24.56 20.44
CA ALA A 38 -15.26 25.95 20.82
C ALA A 38 -15.75 26.20 22.26
N GLY A 39 -14.87 26.68 23.12
CA GLY A 39 -15.26 27.01 24.51
C GLY A 39 -14.82 25.96 25.50
N GLU A 40 -14.50 24.76 25.00
CA GLU A 40 -14.01 23.69 25.88
C GLU A 40 -12.52 23.89 26.15
N SER A 41 -12.06 23.32 27.27
N SER A 41 -12.06 23.31 27.25
CA SER A 41 -10.67 23.40 27.68
CA SER A 41 -10.64 23.41 27.62
C SER A 41 -10.16 22.07 28.22
C SER A 41 -10.15 22.14 28.28
N ILE A 42 -8.83 21.96 28.24
CA ILE A 42 -8.16 20.86 28.90
C ILE A 42 -6.98 21.46 29.69
N THR A 43 -6.56 20.77 30.73
CA THR A 43 -5.39 21.17 31.53
C THR A 43 -4.34 20.05 31.44
N LEU A 44 -3.13 20.42 31.04
CA LEU A 44 -2.01 19.49 30.94
C LEU A 44 -1.23 19.57 32.24
N PRO A 45 -0.83 18.42 32.80
CA PRO A 45 -0.22 18.48 34.12
C PRO A 45 1.24 18.86 34.15
N SER A 46 1.66 19.30 35.34
CA SER A 46 3.06 19.50 35.67
C SER A 46 3.68 18.11 36.00
N ASP A 47 4.53 17.60 35.12
CA ASP A 47 5.13 16.28 35.31
C ASP A 47 6.54 16.22 34.68
N GLU A 48 7.09 15.01 34.55
CA GLU A 48 8.45 14.81 34.06
C GLU A 48 8.54 14.72 32.54
N ARG A 49 7.50 15.14 31.83
CA ARG A 49 7.48 15.11 30.37
C ARG A 49 7.45 16.53 29.77
N GLU A 50 8.25 16.73 28.71
CA GLU A 50 8.14 17.93 27.89
C GLU A 50 7.08 17.62 26.82
N ARG A 51 6.48 18.67 26.31
CA ARG A 51 5.42 18.61 25.34
C ARG A 51 5.53 19.64 24.20
N CYS A 52 4.95 19.25 23.06
CA CYS A 52 4.80 20.11 21.91
C CYS A 52 3.32 19.99 21.52
N LEU A 53 2.61 21.08 21.73
CA LEU A 53 1.19 21.22 21.45
C LEU A 53 1.10 21.66 20.03
N VAL A 54 0.56 20.82 19.17
CA VAL A 54 0.43 21.13 17.74
C VAL A 54 -1.06 21.38 17.45
N LEU A 55 -1.35 22.59 16.92
CA LEU A 55 -2.71 22.95 16.48
C LEU A 55 -2.87 22.42 15.05
N VAL A 56 -3.44 21.22 14.97
CA VAL A 56 -3.63 20.52 13.68
C VAL A 56 -4.67 21.28 12.81
N ALA A 57 -5.70 21.78 13.48
CA ALA A 57 -6.79 22.54 12.89
C ALA A 57 -7.51 23.34 13.98
N GLY A 58 -7.80 24.60 13.68
CA GLY A 58 -8.51 25.44 14.61
C GLY A 58 -7.65 26.34 15.46
N LEU A 59 -8.33 27.13 16.26
CA LEU A 59 -7.71 28.19 17.06
C LEU A 59 -7.82 27.89 18.55
N ALA A 60 -6.76 28.21 19.28
CA ALA A 60 -6.65 27.92 20.70
C ALA A 60 -5.90 29.03 21.45
N SER A 61 -6.20 29.17 22.73
CA SER A 61 -5.44 30.00 23.64
C SER A 61 -4.70 29.04 24.59
N VAL A 62 -3.48 29.40 24.98
CA VAL A 62 -2.64 28.55 25.84
C VAL A 62 -2.04 29.38 26.94
N ALA A 64 0.55 29.01 30.13
CA ALA A 64 1.63 28.17 30.67
C ALA A 64 2.71 29.06 31.26
N ALA A 65 3.08 28.78 32.51
CA ALA A 65 4.09 29.53 33.25
C ALA A 65 3.70 31.03 33.26
N ASP A 66 4.59 31.92 32.78
CA ASP A 66 4.27 33.35 32.75
C ASP A 66 3.77 33.86 31.40
N SER A 67 3.40 32.93 30.53
CA SER A 67 3.01 33.20 29.17
C SER A 67 1.55 32.87 28.86
N PHE A 68 0.93 33.75 28.08
CA PHE A 68 -0.40 33.53 27.54
C PHE A 68 -0.38 33.82 26.02
N PHE A 69 -0.80 32.84 25.24
CA PHE A 69 -0.88 32.91 23.77
C PHE A 69 -2.37 32.93 23.44
N TYR A 70 -2.85 34.06 22.94
CA TYR A 70 -4.28 34.21 22.65
C TYR A 70 -4.67 33.90 21.21
N ARG A 71 -5.66 33.02 21.02
N ARG A 71 -5.59 32.94 21.08
CA ARG A 71 -6.18 32.71 19.68
CA ARG A 71 -6.20 32.60 19.80
C ARG A 71 -5.09 32.46 18.65
C ARG A 71 -5.16 32.41 18.69
N ILE A 72 -4.17 31.56 18.98
CA ILE A 72 -3.10 31.20 18.04
C ILE A 72 -3.69 30.12 17.10
N GLY A 73 -3.01 29.88 16.00
CA GLY A 73 -3.50 28.98 14.98
C GLY A 73 -3.86 29.82 13.77
N GLN A 74 -4.29 29.16 12.71
CA GLN A 74 -4.75 29.81 11.50
C GLN A 74 -5.58 28.84 10.66
N ARG A 75 -4.97 27.75 10.22
CA ARG A 75 -5.66 26.79 9.36
C ARG A 75 -6.82 26.10 10.10
N SER A 77 -8.05 23.37 8.65
CA SER A 77 -7.83 22.02 8.18
C SER A 77 -6.33 21.82 7.94
N PRO A 78 -5.79 20.65 8.24
CA PRO A 78 -4.36 20.42 7.88
C PRO A 78 -4.10 20.54 6.34
N PHE A 79 -5.15 20.29 5.55
CA PHE A 79 -5.09 20.29 4.09
C PHE A 79 -5.00 21.70 3.42
N GLU A 80 -4.91 22.74 4.24
CA GLU A 80 -4.62 24.08 3.74
C GLU A 80 -3.14 24.16 3.31
N ARG A 81 -2.30 23.22 3.78
CA ARG A 81 -0.86 23.11 3.38
C ARG A 81 -0.04 24.35 3.78
N ILE A 82 -0.36 24.86 4.97
CA ILE A 82 0.35 25.99 5.56
C ILE A 82 0.80 25.50 6.94
N PRO A 83 1.97 25.98 7.43
CA PRO A 83 2.44 25.43 8.70
C PRO A 83 1.50 25.65 9.92
N ALA A 84 1.50 24.64 10.78
CA ALA A 84 0.78 24.71 12.05
C ALA A 84 1.45 25.71 13.00
N TYR A 85 0.64 26.23 13.93
CA TYR A 85 1.12 26.86 15.13
C TYR A 85 1.29 25.73 16.17
N SER A 86 2.35 25.84 16.97
CA SER A 86 2.64 24.91 18.05
C SER A 86 3.19 25.68 19.25
N VAL A 87 3.08 25.06 20.42
CA VAL A 87 3.66 25.61 21.65
C VAL A 87 4.52 24.53 22.32
N TYR A 88 5.80 24.87 22.54
CA TYR A 88 6.72 24.01 23.27
C TYR A 88 6.56 24.26 24.78
N LEU A 89 6.38 23.17 25.55
CA LEU A 89 6.28 23.23 27.00
C LEU A 89 7.37 22.37 27.61
N PRO A 90 8.22 22.96 28.47
CA PRO A 90 9.22 22.15 29.17
C PRO A 90 8.50 21.32 30.23
N HIS A 91 9.22 20.40 30.86
CA HIS A 91 8.62 19.60 31.92
C HIS A 91 8.36 20.48 33.17
N HIS A 92 7.57 19.96 34.10
CA HIS A 92 7.14 20.68 35.31
C HIS A 92 6.34 21.94 34.94
N THR A 93 5.58 21.89 33.85
CA THR A 93 4.83 23.06 33.36
C THR A 93 3.36 22.72 33.12
N GLU A 94 2.51 23.06 34.10
CA GLU A 94 1.07 22.91 33.93
C GLU A 94 0.61 23.88 32.82
N ALA A 95 -0.32 23.45 31.97
CA ALA A 95 -0.82 24.32 30.89
C ALA A 95 -2.33 24.19 30.71
N VAL A 97 -5.33 24.82 27.90
CA VAL A 97 -5.60 25.03 26.47
C VAL A 97 -7.10 25.21 26.32
N THR A 98 -7.52 26.35 25.79
CA THR A 98 -8.91 26.64 25.54
C THR A 98 -9.17 26.67 24.01
N ALA A 99 -10.15 25.91 23.56
CA ALA A 99 -10.56 25.95 22.15
C ALA A 99 -11.33 27.28 21.87
N GLU A 100 -10.77 28.09 20.98
CA GLU A 100 -11.39 29.38 20.59
C GLU A 100 -12.36 29.14 19.45
N THR A 101 -12.03 28.17 18.60
CA THR A 101 -12.92 27.61 17.61
C THR A 101 -12.92 26.12 17.92
N ASP A 102 -13.69 25.34 17.16
CA ASP A 102 -13.54 23.87 17.22
C ASP A 102 -12.05 23.62 16.96
N LEU A 103 -11.48 22.69 17.71
CA LEU A 103 -10.07 22.45 17.71
C LEU A 103 -9.65 20.98 17.66
N GLU A 104 -8.68 20.72 16.80
CA GLU A 104 -8.00 19.42 16.73
C GLU A 104 -6.60 19.67 17.24
N LEU A 105 -6.35 19.20 18.46
CA LEU A 105 -5.08 19.43 19.15
C LEU A 105 -4.28 18.17 19.33
N ALA A 106 -3.02 18.22 18.91
CA ALA A 106 -2.06 17.13 19.11
C ALA A 106 -1.14 17.50 20.28
N VAL A 107 -1.01 16.60 21.24
CA VAL A 107 -0.08 16.76 22.39
C VAL A 107 1.02 15.69 22.21
N CYS A 108 2.20 16.15 21.82
CA CYS A 108 3.35 15.28 21.58
C CYS A 108 4.19 15.29 22.85
N SER A 109 4.52 14.12 23.41
CA SER A 109 5.26 14.09 24.65
C SER A 109 6.45 13.13 24.67
N ALA A 110 7.43 13.45 25.50
CA ALA A 110 8.65 12.67 25.69
C ALA A 110 9.28 13.05 27.01
N PRO A 111 10.27 12.26 27.48
CA PRO A 111 10.90 12.65 28.74
C PRO A 111 11.55 14.05 28.71
N GLY A 112 11.32 14.78 29.80
CA GLY A 112 11.85 16.08 30.00
C GLY A 112 12.75 16.17 31.20
N PHE A 113 13.85 16.90 31.04
CA PHE A 113 14.85 17.07 32.09
C PHE A 113 15.53 18.44 32.08
N GLY A 114 15.35 19.24 31.04
CA GLY A 114 16.07 20.48 30.87
C GLY A 114 15.39 21.69 31.44
N GLU A 115 15.86 22.85 31.04
CA GLU A 115 15.34 24.11 31.56
C GLU A 115 15.03 25.15 30.47
N LEU A 116 14.61 24.65 29.31
CA LEU A 116 14.17 25.53 28.23
C LEU A 116 12.89 26.26 28.63
N PRO A 117 12.70 27.48 28.11
CA PRO A 117 11.44 28.14 28.43
C PRO A 117 10.29 27.72 27.53
N VAL A 118 9.08 27.99 28.01
CA VAL A 118 7.91 27.86 27.19
C VAL A 118 8.13 28.74 25.93
N ARG A 119 7.81 28.26 24.74
CA ARG A 119 7.91 29.12 23.56
C ARG A 119 6.89 28.78 22.48
N LEU A 120 6.49 29.80 21.75
CA LEU A 120 5.68 29.64 20.58
C LEU A 120 6.56 29.20 19.41
N ILE A 121 6.07 28.23 18.64
CA ILE A 121 6.68 27.86 17.37
C ILE A 121 5.63 28.25 16.32
N SER A 122 5.76 29.47 15.82
CA SER A 122 4.84 29.99 14.84
C SER A 122 5.23 29.50 13.43
N PRO A 123 4.35 29.68 12.43
CA PRO A 123 4.70 29.30 11.06
C PRO A 123 6.07 29.81 10.58
N GLN A 124 6.46 31.01 11.03
CA GLN A 124 7.72 31.64 10.71
C GLN A 124 8.95 30.88 11.29
N GLU A 125 8.74 30.05 12.32
CA GLU A 125 9.83 29.22 12.88
C GLU A 125 9.81 27.78 12.38
N VAL A 126 8.89 27.44 11.47
CA VAL A 126 8.76 26.08 10.91
C VAL A 126 9.53 26.03 9.60
N GLY A 127 10.50 25.11 9.48
CA GLY A 127 11.23 24.94 8.24
C GLY A 127 10.36 24.19 7.21
N VAL A 128 10.16 24.83 6.05
CA VAL A 128 9.35 24.30 4.94
C VAL A 128 10.29 23.78 3.88
N GLU A 129 10.11 22.54 3.45
CA GLU A 129 10.93 21.93 2.41
C GLU A 129 10.13 20.93 1.58
N HIS A 130 10.58 20.73 0.36
CA HIS A 130 9.98 19.80 -0.59
C HIS A 130 11.03 18.72 -0.75
N ARG A 131 10.67 17.50 -0.39
N ARG A 131 10.65 17.50 -0.38
CA ARG A 131 11.58 16.38 -0.45
CA ARG A 131 11.48 16.29 -0.33
C ARG A 131 11.19 15.53 -1.66
C ARG A 131 11.17 15.39 -1.55
N GLY A 132 12.18 14.93 -2.30
CA GLY A 132 11.98 14.05 -3.50
C GLY A 132 11.59 14.65 -4.85
N GLY A 134 8.93 13.75 -8.48
CA GLY A 134 7.72 12.99 -9.00
C GLY A 134 6.72 12.22 -8.05
N ARG A 135 6.75 10.87 -8.17
CA ARG A 135 5.91 9.94 -7.33
C ARG A 135 6.54 9.83 -5.89
N ASN A 136 7.61 10.56 -5.72
CA ASN A 136 8.25 10.62 -4.46
C ASN A 136 8.20 12.07 -3.86
N GLN A 137 7.59 13.11 -4.52
CA GLN A 137 7.68 14.54 -3.95
C GLN A 137 6.60 14.99 -2.91
N ARG A 138 7.06 15.27 -1.69
CA ARG A 138 6.28 15.60 -0.53
C ARG A 138 6.61 17.02 -0.01
N LEU A 139 5.65 17.62 0.66
CA LEU A 139 5.83 18.87 1.34
C LEU A 139 6.08 18.47 2.78
N VAL A 140 7.14 19.04 3.38
CA VAL A 140 7.56 18.75 4.73
C VAL A 140 7.66 20.07 5.55
N HIS A 141 7.02 20.05 6.72
CA HIS A 141 7.04 21.12 7.72
C HIS A 141 7.76 20.62 8.97
N ASN A 142 8.99 21.12 9.15
CA ASN A 142 9.80 20.77 10.34
C ASN A 142 9.42 21.65 11.52
N ILE A 143 8.42 21.17 12.26
CA ILE A 143 7.89 21.86 13.44
C ILE A 143 8.95 21.92 14.58
N LEU A 144 9.60 20.80 14.86
CA LEU A 144 10.56 20.70 15.92
C LEU A 144 11.68 19.74 15.54
N PRO A 145 12.60 20.21 14.68
CA PRO A 145 13.71 19.36 14.23
C PRO A 145 14.87 19.28 15.23
N ASP A 146 15.85 18.44 14.93
CA ASP A 146 17.02 18.29 15.84
C ASP A 146 17.98 19.48 15.85
N SER A 147 17.80 20.41 14.91
CA SER A 147 18.52 21.65 14.84
C SER A 147 17.85 22.78 15.65
N GLN A 148 16.69 22.52 16.23
CA GLN A 148 15.98 23.45 17.13
C GLN A 148 16.01 22.84 18.54
N LEU A 149 15.66 23.62 19.56
CA LEU A 149 15.80 23.21 20.96
C LEU A 149 14.62 22.44 21.57
N ALA A 150 14.94 21.29 22.17
CA ALA A 150 14.05 20.46 22.96
C ALA A 150 14.94 19.41 23.65
N ASP A 151 14.46 18.81 24.73
CA ASP A 151 15.23 17.79 25.42
C ASP A 151 15.26 16.44 24.65
N SER A 152 14.11 16.11 24.08
CA SER A 152 13.82 14.80 23.49
C SER A 152 13.03 14.81 22.18
N LEU A 153 11.99 15.66 22.13
CA LEU A 153 11.01 15.70 21.02
C LEU A 153 11.53 16.12 19.66
N LEU A 154 11.10 15.37 18.65
CA LEU A 154 11.34 15.66 17.24
C LEU A 154 9.94 15.55 16.65
N VAL A 155 9.50 16.60 15.96
CA VAL A 155 8.14 16.70 15.40
C VAL A 155 8.19 17.22 13.97
N VAL A 156 7.48 16.52 13.08
CA VAL A 156 7.41 16.89 11.68
C VAL A 156 6.01 16.54 11.15
N GLU A 157 5.53 17.30 10.15
CA GLU A 157 4.31 16.96 9.42
C GLU A 157 4.67 16.90 7.91
N VAL A 158 4.06 15.92 7.23
CA VAL A 158 4.32 15.62 5.83
C VAL A 158 3.01 15.46 5.03
N TYR A 159 3.03 16.02 3.80
CA TYR A 159 1.93 15.97 2.85
C TYR A 159 2.33 15.15 1.67
N THR A 160 1.58 14.08 1.44
CA THR A 160 1.84 13.15 0.36
C THR A 160 0.61 13.14 -0.56
N ASN A 161 0.77 13.65 -1.77
CA ASN A 161 -0.37 13.66 -2.72
C ASN A 161 -0.70 12.26 -3.23
N ALA A 162 -1.99 12.07 -3.51
CA ALA A 162 -2.54 10.75 -3.92
C ALA A 162 -1.71 10.15 -5.06
N GLY A 163 -1.27 8.91 -4.80
N GLY A 163 -1.18 8.93 -4.90
CA GLY A 163 -0.42 8.16 -5.72
CA GLY A 163 -0.34 8.36 -5.99
C GLY A 163 0.99 7.97 -5.18
C GLY A 163 1.17 8.51 -5.80
N ALA A 164 1.56 9.09 -4.66
CA ALA A 164 2.95 9.15 -4.23
C ALA A 164 3.23 8.27 -3.01
N THR A 165 4.51 7.93 -2.88
CA THR A 165 5.04 7.16 -1.76
C THR A 165 5.91 8.07 -0.87
N SER A 166 5.72 8.02 0.44
CA SER A 166 6.50 8.82 1.39
C SER A 166 7.10 7.91 2.47
N SER A 167 7.96 8.49 3.34
CA SER A 167 8.82 7.72 4.25
C SER A 167 9.55 6.64 3.37
N TRP A 168 9.97 7.11 2.22
CA TRP A 168 10.47 6.28 1.16
C TRP A 168 11.47 7.09 0.36
N PRO A 169 12.63 6.49 -0.05
CA PRO A 169 13.10 5.12 0.13
C PRO A 169 13.10 4.76 1.61
N ALA A 170 12.82 3.49 1.85
CA ALA A 170 12.65 2.91 3.19
C ALA A 170 13.83 3.24 4.08
N HIS A 171 13.56 3.74 5.29
CA HIS A 171 14.63 4.06 6.27
C HIS A 171 14.25 3.46 7.62
N HIS A 173 15.39 3.72 12.00
CA HIS A 173 16.04 4.43 13.12
C HIS A 173 15.62 3.65 14.37
N ASP A 174 16.15 2.45 14.48
CA ASP A 174 15.71 1.52 15.55
C ASP A 174 16.82 0.92 16.38
N THR A 175 18.07 1.33 16.11
CA THR A 175 19.27 0.83 16.76
C THR A 175 20.31 1.92 16.88
N ALA A 176 20.92 2.02 18.06
CA ALA A 176 22.09 2.89 18.29
C ALA A 176 23.33 2.27 17.60
N VAL A 177 23.73 2.87 16.48
CA VAL A 177 24.94 2.53 15.70
C VAL A 177 25.71 3.87 15.57
N GLU A 178 26.74 4.03 16.38
CA GLU A 178 27.49 5.29 16.49
C GLU A 178 27.82 5.89 15.12
N GLY A 179 27.36 7.13 14.94
CA GLY A 179 27.56 7.91 13.72
C GLY A 179 26.75 7.51 12.50
N GLN A 180 25.88 6.50 12.64
CA GLN A 180 25.10 5.96 11.52
C GLN A 180 23.63 5.95 11.76
N GLU A 181 23.21 5.51 12.96
CA GLU A 181 21.82 5.38 13.26
C GLU A 181 21.55 5.62 14.75
N THR A 182 20.37 6.10 15.04
CA THR A 182 19.89 6.26 16.41
C THR A 182 18.58 5.45 16.56
N TYR A 183 18.30 5.07 17.80
CA TYR A 183 17.01 4.49 18.17
C TYR A 183 16.03 5.65 18.40
N LEU A 184 14.97 5.64 17.60
CA LEU A 184 13.90 6.62 17.69
C LEU A 184 12.57 5.96 17.46
N GLU A 185 11.76 5.94 18.52
CA GLU A 185 10.38 5.50 18.39
C GLU A 185 9.68 6.54 17.50
N GLU A 186 8.69 6.13 16.74
CA GLU A 186 7.99 7.05 15.85
C GLU A 186 6.47 6.73 15.78
N THR A 187 5.68 7.78 15.87
CA THR A 187 4.25 7.70 15.68
C THR A 187 3.87 8.47 14.39
N TYR A 188 2.83 8.00 13.72
CA TYR A 188 2.22 8.59 12.54
C TYR A 188 0.76 8.84 12.89
N TYR A 189 0.30 10.07 12.75
CA TYR A 189 -1.09 10.42 12.90
C TYR A 189 -1.56 10.83 11.49
N HIS A 190 -2.41 9.99 10.89
CA HIS A 190 -2.83 10.15 9.51
C HIS A 190 -4.18 10.85 9.29
N ARG A 191 -4.21 11.62 8.22
CA ARG A 191 -5.41 12.35 7.76
C ARG A 191 -5.53 12.20 6.24
N PHE A 192 -6.77 12.23 5.75
CA PHE A 192 -7.11 12.09 4.33
C PHE A 192 -8.07 13.15 3.83
N ASN A 193 -7.87 13.51 2.56
CA ASN A 193 -8.71 14.41 1.81
C ASN A 193 -8.95 13.83 0.41
N PRO A 194 -10.23 13.47 0.10
CA PRO A 194 -11.44 13.52 0.95
C PRO A 194 -11.32 12.59 2.18
N PRO A 195 -12.11 12.84 3.25
CA PRO A 195 -11.90 12.14 4.53
C PRO A 195 -12.14 10.63 4.60
N GLN A 196 -12.87 10.03 3.64
CA GLN A 196 -13.17 8.59 3.71
C GLN A 196 -12.04 7.70 3.15
N GLY A 197 -10.93 8.31 2.75
CA GLY A 197 -9.80 7.58 2.19
C GLY A 197 -8.96 6.78 3.15
N PHE A 198 -8.01 6.07 2.55
CA PHE A 198 -7.01 5.33 3.28
C PHE A 198 -5.69 5.29 2.50
N CYS A 199 -4.63 4.88 3.20
CA CYS A 199 -3.34 4.60 2.63
C CYS A 199 -2.95 3.23 3.17
N LEU A 200 -1.89 2.68 2.59
CA LEU A 200 -1.29 1.43 3.03
C LEU A 200 0.11 1.73 3.57
N GLN A 201 0.31 1.46 4.84
CA GLN A 201 1.62 1.67 5.49
C GLN A 201 2.18 0.30 5.90
N ARG A 202 3.44 0.05 5.57
CA ARG A 202 4.07 -1.21 5.87
C ARG A 202 5.26 -0.97 6.82
N VAL A 203 5.26 -1.68 7.95
CA VAL A 203 6.35 -1.66 8.91
C VAL A 203 7.05 -3.02 8.87
N TYR A 204 8.34 -3.01 8.51
CA TYR A 204 9.07 -4.24 8.33
C TYR A 204 10.59 -4.15 8.56
N THR A 205 11.16 -5.25 8.99
CA THR A 205 12.58 -5.38 9.20
C THR A 205 13.24 -6.09 7.99
N ASP A 206 14.54 -5.94 7.88
CA ASP A 206 15.30 -6.66 6.88
C ASP A 206 15.08 -8.19 6.87
N ASP A 207 15.02 -8.82 8.05
CA ASP A 207 14.75 -10.26 8.11
C ASP A 207 13.25 -10.64 8.04
N ARG A 208 12.37 -9.65 7.94
N ARG A 208 12.37 -9.64 7.94
CA ARG A 208 10.92 -9.85 7.86
CA ARG A 208 10.92 -9.81 7.86
C ARG A 208 10.32 -10.51 9.11
C ARG A 208 10.31 -10.47 9.12
N SER A 209 11.08 -10.53 10.21
CA SER A 209 10.60 -11.07 11.50
C SER A 209 9.43 -10.20 11.98
N LEU A 210 9.46 -8.92 11.59
CA LEU A 210 8.35 -8.01 11.68
C LEU A 210 8.05 -7.64 10.23
N ASP A 211 6.80 -7.78 9.81
CA ASP A 211 6.36 -7.38 8.47
C ASP A 211 4.84 -7.25 8.50
N GLU A 212 4.40 -6.03 8.77
CA GLU A 212 2.99 -5.71 8.91
C GLU A 212 2.56 -4.59 7.97
N CYS A 213 1.58 -4.88 7.12
N CYS A 213 1.51 -4.84 7.18
CA CYS A 213 0.97 -3.89 6.25
CA CYS A 213 0.88 -3.83 6.31
C CYS A 213 -0.43 -3.69 6.81
C CYS A 213 -0.44 -3.39 6.95
N ALA A 215 -4.03 -0.96 6.51
CA ALA A 215 -4.89 -0.03 5.79
C ALA A 215 -5.20 1.06 6.83
N VAL A 216 -4.73 2.30 6.58
CA VAL A 216 -4.82 3.39 7.56
C VAL A 216 -5.88 4.39 7.13
N TYR A 217 -6.84 4.66 8.00
CA TYR A 217 -7.92 5.60 7.73
C TYR A 217 -7.79 6.90 8.55
N ASN A 218 -8.66 7.85 8.25
CA ASN A 218 -8.64 9.19 8.85
C ASN A 218 -8.62 9.22 10.39
N ARG A 219 -7.58 9.88 10.89
CA ARG A 219 -7.31 10.02 12.32
C ARG A 219 -6.75 8.77 13.03
N ASP A 220 -6.35 7.76 12.26
CA ASP A 220 -5.68 6.59 12.81
C ASP A 220 -4.23 6.90 13.10
N VAL A 221 -3.70 6.18 14.07
CA VAL A 221 -2.28 6.24 14.46
C VAL A 221 -1.57 4.91 14.16
N VAL A 222 -0.37 5.01 13.56
CA VAL A 222 0.54 3.89 13.36
C VAL A 222 1.75 4.14 14.25
N VAL A 224 5.62 2.90 15.12
CA VAL A 224 6.80 2.33 14.47
C VAL A 224 7.87 2.04 15.55
N PRO A 225 7.82 0.84 16.15
CA PRO A 225 8.78 0.54 17.21
C PRO A 225 10.21 0.15 16.73
N GLY A 227 12.16 -1.00 12.46
CA GLY A 227 12.09 -1.25 11.03
C GLY A 227 11.81 -0.07 10.10
N TYR A 228 11.73 -0.47 8.84
CA TYR A 228 11.34 0.37 7.68
C TYR A 228 9.86 0.63 7.79
N HIS A 229 9.42 1.79 7.29
CA HIS A 229 8.01 2.18 7.50
C HIS A 229 7.41 3.08 6.40
N PRO A 230 7.55 2.66 5.13
CA PRO A 230 6.98 3.51 4.05
C PRO A 230 5.43 3.59 4.01
N VAL A 231 4.96 4.70 3.46
CA VAL A 231 3.55 5.00 3.26
C VAL A 231 3.23 5.03 1.76
N ALA A 232 2.33 4.15 1.34
CA ALA A 232 1.83 4.12 -0.05
C ALA A 232 0.42 4.72 -0.09
N THR A 233 0.27 5.84 -0.77
CA THR A 233 -1.02 6.48 -0.92
C THR A 233 -1.79 5.90 -2.14
N ILE A 234 -3.10 6.17 -2.14
CA ILE A 234 -4.10 5.65 -3.05
C ILE A 234 -4.69 6.77 -3.90
N ALA A 235 -4.77 6.56 -5.21
CA ALA A 235 -5.37 7.50 -6.16
C ALA A 235 -6.72 8.05 -5.63
N GLY A 236 -6.86 9.37 -5.67
CA GLY A 236 -8.07 10.05 -5.18
C GLY A 236 -8.01 10.55 -3.77
N TYR A 237 -7.10 10.01 -2.96
CA TYR A 237 -6.98 10.39 -1.55
C TYR A 237 -5.61 10.94 -1.15
N ASP A 238 -5.58 12.27 -1.03
CA ASP A 238 -4.41 12.97 -0.52
C ASP A 238 -4.21 12.60 0.97
N ASN A 239 -2.95 12.52 1.38
CA ASN A 239 -2.56 12.13 2.72
C ASN A 239 -1.73 13.23 3.41
N TYR A 240 -1.85 13.24 4.73
CA TYR A 240 -1.14 14.06 5.64
C TYR A 240 -0.81 13.17 6.83
N TYR A 241 0.37 13.35 7.41
CA TYR A 241 0.65 12.78 8.73
C TYR A 241 1.55 13.66 9.58
N LEU A 242 1.27 13.64 10.88
CA LEU A 242 2.04 14.31 11.91
C LEU A 242 2.81 13.23 12.65
N ASN A 243 4.13 13.37 12.67
CA ASN A 243 5.05 12.42 13.32
C ASN A 243 5.69 12.98 14.55
N VAL A 244 5.84 12.11 15.55
CA VAL A 244 6.57 12.38 16.79
C VAL A 244 7.67 11.31 16.89
N ALA A 246 11.31 10.29 19.44
CA ALA A 246 12.18 10.46 20.60
C ALA A 246 12.91 9.17 20.92
N GLY A 247 14.06 9.32 21.58
CA GLY A 247 14.93 8.24 22.04
C GLY A 247 15.99 8.74 23.00
N PRO A 248 17.01 7.90 23.30
CA PRO A 248 18.03 8.37 24.25
C PRO A 248 18.93 9.49 23.73
N LEU A 249 19.05 9.59 22.40
CA LEU A 249 19.87 10.61 21.75
C LEU A 249 19.02 11.37 20.74
N ARG A 250 18.90 12.68 20.96
CA ARG A 250 18.06 13.52 20.13
C ARG A 250 18.79 13.94 18.83
N TRP A 252 18.43 12.78 14.53
CA TRP A 252 17.73 12.01 13.50
C TRP A 252 18.79 11.42 12.59
N ARG A 253 19.16 10.18 12.88
CA ARG A 253 20.14 9.43 12.08
C ARG A 253 19.48 8.13 11.67
N PHE A 254 19.45 7.86 10.37
CA PHE A 254 18.76 6.66 9.89
C PHE A 254 19.61 5.91 8.90
N THR A 255 19.19 4.69 8.62
CA THR A 255 19.82 3.86 7.61
C THR A 255 18.80 3.52 6.54
N TRP A 256 19.20 3.66 5.29
CA TRP A 256 18.36 3.26 4.17
C TRP A 256 18.41 1.76 3.89
N GLU A 257 17.27 1.15 3.57
CA GLU A 257 17.23 -0.25 3.12
C GLU A 257 18.06 -0.31 1.85
N GLU A 258 19.02 -1.23 1.82
CA GLU A 258 20.00 -1.22 0.72
C GLU A 258 19.40 -1.40 -0.69
N ASN A 259 18.38 -2.26 -0.81
CA ASN A 259 17.78 -2.54 -2.14
C ASN A 259 17.11 -1.37 -2.83
N HIS A 260 16.61 -0.42 -2.04
CA HIS A 260 15.88 0.74 -2.58
C HIS A 260 16.64 2.07 -2.50
N ALA A 261 17.89 2.04 -1.98
CA ALA A 261 18.69 3.25 -1.78
C ALA A 261 18.94 4.01 -3.10
N TRP A 262 19.00 3.28 -4.23
CA TRP A 262 19.16 3.89 -5.58
C TRP A 262 18.11 4.95 -5.95
N ILE A 263 16.93 4.91 -5.34
CA ILE A 263 15.84 5.85 -5.59
C ILE A 263 16.24 7.29 -5.13
N ASN A 264 17.20 7.40 -4.20
CA ASN A 264 17.79 8.71 -3.79
C ASN A 264 18.70 9.37 -4.85
N SER A 265 19.36 8.58 -5.68
CA SER A 265 20.19 9.09 -6.76
C SER A 265 19.33 9.58 -7.93
N ALA B 3 -5.86 -14.83 7.35
CA ALA B 3 -6.00 -15.59 6.09
C ALA B 3 -4.68 -15.51 5.34
N ASN B 4 -4.24 -16.60 4.69
CA ASN B 4 -2.99 -16.58 3.93
C ASN B 4 -3.29 -16.54 2.42
N LEU B 5 -3.34 -15.32 1.88
CA LEU B 5 -3.70 -15.10 0.49
C LEU B 5 -2.46 -15.02 -0.42
N LEU B 6 -1.29 -14.87 0.20
CA LEU B 6 -0.02 -14.72 -0.52
C LEU B 6 0.71 -16.05 -0.68
N SER B 7 1.09 -16.34 -1.90
CA SER B 7 1.89 -17.52 -2.21
C SER B 7 3.21 -17.08 -2.89
N THR B 8 4.32 -17.12 -2.15
CA THR B 8 5.62 -16.70 -2.71
C THR B 8 6.19 -17.85 -3.57
N CYS B 9 7.05 -17.56 -4.55
N CYS B 9 6.95 -17.57 -4.63
CA CYS B 9 7.63 -18.65 -5.37
CA CYS B 9 7.36 -18.71 -5.51
C CYS B 9 8.32 -19.73 -4.55
C CYS B 9 8.34 -19.68 -4.75
N THR B 10 8.04 -20.98 -4.88
CA THR B 10 8.69 -22.10 -4.14
C THR B 10 10.15 -22.39 -4.55
N SER B 11 10.51 -22.02 -5.80
CA SER B 11 11.86 -22.19 -6.40
C SER B 11 12.20 -21.12 -7.47
N GLU B 12 13.43 -21.18 -7.99
CA GLU B 12 13.90 -20.34 -9.09
C GLU B 12 13.57 -20.98 -10.50
N SER B 13 13.54 -22.32 -10.58
CA SER B 13 13.23 -23.00 -11.84
C SER B 13 12.17 -24.08 -11.64
N GLY B 14 11.61 -24.52 -12.76
CA GLY B 14 10.58 -25.55 -12.76
C GLY B 14 9.25 -24.94 -12.45
N ASN B 15 8.41 -25.64 -11.69
CA ASN B 15 7.01 -25.20 -11.45
C ASN B 15 6.96 -24.25 -10.26
N ILE B 16 7.42 -23.03 -10.50
CA ILE B 16 7.67 -22.03 -9.41
C ILE B 16 6.39 -21.57 -8.66
N GLN B 17 5.26 -21.65 -9.35
CA GLN B 17 3.95 -21.38 -8.78
C GLN B 17 2.99 -22.47 -9.16
N HIS B 18 2.32 -23.02 -8.15
CA HIS B 18 1.29 -24.02 -8.30
C HIS B 18 0.11 -23.71 -7.34
N ILE B 19 -0.90 -23.09 -7.91
CA ILE B 19 -2.14 -22.72 -7.23
C ILE B 19 -3.24 -23.61 -7.83
N SER B 20 -3.91 -24.38 -7.00
CA SER B 20 -5.00 -25.28 -7.43
C SER B 20 -6.24 -24.99 -6.61
N PRO B 21 -7.43 -25.35 -7.12
CA PRO B 21 -8.62 -25.23 -6.23
C PRO B 21 -8.41 -25.88 -4.85
N GLN B 22 -7.70 -27.01 -4.84
CA GLN B 22 -7.47 -27.76 -3.62
C GLN B 22 -6.59 -27.03 -2.59
N ASN B 23 -5.53 -26.36 -3.03
CA ASN B 23 -4.68 -25.62 -2.10
C ASN B 23 -5.11 -24.17 -1.90
N ALA B 24 -5.99 -23.66 -2.75
CA ALA B 24 -6.54 -22.31 -2.64
C ALA B 24 -7.80 -22.28 -1.78
N GLY B 25 -8.37 -23.45 -1.49
CA GLY B 25 -9.60 -23.50 -0.74
C GLY B 25 -10.79 -22.95 -1.54
N TRP B 26 -10.84 -23.22 -2.84
CA TRP B 26 -11.94 -22.75 -3.66
C TRP B 26 -12.31 -23.83 -4.74
N GLU B 27 -13.04 -23.44 -5.78
CA GLU B 27 -13.68 -24.42 -6.67
C GLU B 27 -13.32 -24.45 -8.14
N TYR B 28 -12.79 -23.38 -8.69
CA TYR B 28 -12.59 -23.28 -10.15
C TYR B 28 -11.15 -23.04 -10.65
N VAL B 29 -10.53 -21.98 -10.16
CA VAL B 29 -9.31 -21.48 -10.72
C VAL B 29 -8.03 -22.24 -10.28
N GLY B 30 -7.25 -22.57 -11.29
CA GLY B 30 -5.91 -23.08 -11.16
C GLY B 30 -4.96 -22.16 -11.89
N PHE B 31 -3.76 -22.03 -11.36
CA PHE B 31 -2.75 -21.14 -11.93
C PHE B 31 -1.36 -21.71 -11.66
N ASP B 32 -0.66 -21.99 -12.74
CA ASP B 32 0.71 -22.52 -12.68
C ASP B 32 1.68 -21.67 -13.47
N VAL B 33 2.90 -21.57 -12.95
CA VAL B 33 3.99 -20.95 -13.66
C VAL B 33 5.14 -21.96 -13.70
N TRP B 34 5.72 -22.08 -14.90
CA TRP B 34 6.90 -22.87 -15.20
C TRP B 34 8.01 -21.92 -15.73
N GLN B 35 9.19 -22.02 -15.10
CA GLN B 35 10.38 -21.32 -15.51
C GLN B 35 11.29 -22.41 -16.15
N LEU B 36 11.38 -22.41 -17.49
CA LEU B 36 12.12 -23.43 -18.25
C LEU B 36 13.31 -22.86 -18.99
N ALA B 38 15.95 -23.08 -22.21
CA ALA B 38 15.83 -23.45 -23.62
C ALA B 38 16.08 -24.95 -23.80
N GLY B 39 15.14 -25.64 -24.45
CA GLY B 39 15.29 -27.05 -24.75
C GLY B 39 14.49 -27.93 -23.84
N GLU B 40 14.01 -27.39 -22.72
CA GLU B 40 13.21 -28.16 -21.77
C GLU B 40 11.77 -28.14 -22.22
N SER B 41 11.05 -29.18 -21.83
CA SER B 41 9.64 -29.36 -22.10
C SER B 41 8.80 -29.75 -20.90
N ILE B 42 7.51 -29.52 -21.05
CA ILE B 42 6.47 -30.04 -20.16
C ILE B 42 5.32 -30.57 -21.04
N THR B 43 4.58 -31.52 -20.51
CA THR B 43 3.37 -32.08 -21.14
C THR B 43 2.16 -31.80 -20.25
N LEU B 44 1.16 -31.14 -20.80
CA LEU B 44 -0.11 -30.88 -20.14
C LEU B 44 -1.06 -32.03 -20.45
N PRO B 45 -1.79 -32.52 -19.44
CA PRO B 45 -2.63 -33.70 -19.68
C PRO B 45 -3.98 -33.48 -20.32
N SER B 46 -4.47 -34.55 -20.93
CA SER B 46 -5.83 -34.64 -21.40
C SER B 46 -6.71 -34.89 -20.16
N ASP B 47 -7.42 -33.87 -19.71
CA ASP B 47 -8.29 -34.02 -18.52
C ASP B 47 -9.57 -33.17 -18.65
N GLU B 48 -10.26 -32.91 -17.54
CA GLU B 48 -11.51 -32.18 -17.55
C GLU B 48 -11.33 -30.68 -17.35
N ARG B 49 -10.12 -30.19 -17.56
CA ARG B 49 -9.84 -28.76 -17.43
C ARG B 49 -9.44 -28.16 -18.77
N GLU B 50 -9.99 -26.97 -19.06
CA GLU B 50 -9.55 -26.16 -20.17
C GLU B 50 -8.40 -25.31 -19.63
N ARG B 51 -7.55 -24.89 -20.57
CA ARG B 51 -6.35 -24.12 -20.29
C ARG B 51 -6.09 -22.96 -21.22
N CYS B 52 -5.44 -21.94 -20.67
CA CYS B 52 -4.91 -20.87 -21.46
C CYS B 52 -3.41 -20.79 -21.12
N LEU B 53 -2.56 -21.10 -22.10
CA LEU B 53 -1.12 -21.00 -21.95
C LEU B 53 -0.74 -19.55 -22.29
N VAL B 54 -0.12 -18.85 -21.36
CA VAL B 54 0.29 -17.47 -21.54
C VAL B 54 1.80 -17.40 -21.47
N LEU B 55 2.43 -16.96 -22.56
CA LEU B 55 3.88 -16.78 -22.59
C LEU B 55 4.19 -15.41 -21.99
N VAL B 56 4.57 -15.44 -20.71
CA VAL B 56 4.90 -14.22 -19.98
C VAL B 56 6.19 -13.60 -20.57
N ALA B 57 7.17 -14.46 -20.89
CA ALA B 57 8.44 -14.07 -21.49
C ALA B 57 9.05 -15.28 -22.19
N GLY B 58 9.58 -15.08 -23.39
CA GLY B 58 10.25 -16.13 -24.16
C GLY B 58 9.42 -16.78 -25.26
N LEU B 59 10.08 -17.64 -26.02
CA LEU B 59 9.51 -18.33 -27.14
C LEU B 59 9.34 -19.84 -26.87
N ALA B 60 8.27 -20.40 -27.41
CA ALA B 60 7.90 -21.78 -27.21
C ALA B 60 7.33 -22.39 -28.49
N SER B 61 7.33 -23.71 -28.53
CA SER B 61 6.71 -24.49 -29.56
C SER B 61 5.69 -25.39 -28.80
N VAL B 62 4.51 -25.56 -29.40
CA VAL B 62 3.39 -26.31 -28.82
C VAL B 62 2.85 -27.34 -29.80
N ALA B 64 -0.31 -29.87 -30.12
CA ALA B 64 -1.64 -30.11 -29.54
C ALA B 64 -2.63 -30.44 -30.62
N ALA B 65 -3.49 -31.42 -30.32
CA ALA B 65 -4.52 -31.84 -31.25
C ALA B 65 -3.79 -32.23 -32.53
N ASP B 66 -4.15 -31.73 -33.68
CA ASP B 66 -3.39 -32.26 -34.85
C ASP B 66 -2.40 -31.24 -35.43
N SER B 67 -1.92 -30.35 -34.56
CA SER B 67 -1.15 -29.19 -34.95
C SER B 67 0.16 -29.01 -34.23
N PHE B 68 1.04 -28.27 -34.91
CA PHE B 68 2.36 -27.89 -34.42
C PHE B 68 2.51 -26.38 -34.60
N PHE B 69 2.72 -25.68 -33.50
CA PHE B 69 2.85 -24.22 -33.46
C PHE B 69 4.27 -23.94 -33.05
N TYR B 70 5.07 -23.47 -34.00
CA TYR B 70 6.50 -23.27 -33.77
C TYR B 70 6.91 -21.82 -33.51
N ARG B 71 7.67 -21.66 -32.43
CA ARG B 71 8.30 -20.43 -32.01
C ARG B 71 7.34 -19.29 -31.83
N ILE B 72 6.23 -19.62 -31.17
CA ILE B 72 5.26 -18.60 -30.77
C ILE B 72 5.85 -17.81 -29.60
N GLY B 73 5.31 -16.62 -29.40
CA GLY B 73 5.82 -15.67 -28.46
C GLY B 73 6.56 -14.58 -29.20
N GLN B 74 6.99 -13.55 -28.47
N GLN B 74 7.06 -13.61 -28.44
CA GLN B 74 7.87 -12.50 -29.00
CA GLN B 74 7.73 -12.48 -29.02
C GLN B 74 8.63 -11.86 -27.84
C GLN B 74 8.57 -11.76 -27.95
N ARG B 75 7.90 -11.23 -26.92
CA ARG B 75 8.59 -10.50 -25.84
C ARG B 75 9.48 -11.38 -24.95
N SER B 77 10.52 -10.06 -22.04
CA SER B 77 10.14 -9.56 -20.73
C SER B 77 8.72 -9.07 -20.81
N PRO B 78 7.91 -9.26 -19.74
CA PRO B 78 6.57 -8.66 -19.77
C PRO B 78 6.63 -7.11 -19.87
N PHE B 79 7.75 -6.52 -19.45
CA PHE B 79 7.93 -5.06 -19.46
C PHE B 79 8.21 -4.43 -20.84
N GLU B 80 8.22 -5.25 -21.89
CA GLU B 80 8.23 -4.70 -23.25
C GLU B 80 6.88 -4.01 -23.56
N ARG B 81 5.84 -4.35 -22.80
CA ARG B 81 4.50 -3.74 -22.91
C ARG B 81 3.82 -4.04 -24.26
N ILE B 82 4.10 -5.21 -24.79
CA ILE B 82 3.44 -5.66 -26.00
C ILE B 82 2.68 -6.87 -25.51
N PRO B 83 1.51 -7.14 -26.11
CA PRO B 83 0.70 -8.27 -25.62
C PRO B 83 1.38 -9.65 -25.66
N ALA B 84 1.08 -10.44 -24.65
CA ALA B 84 1.51 -11.82 -24.55
C ALA B 84 0.90 -12.60 -25.72
N TYR B 85 1.61 -13.65 -26.11
CA TYR B 85 1.13 -14.65 -27.03
C TYR B 85 0.55 -15.75 -26.14
N SER B 86 -0.66 -16.20 -26.46
CA SER B 86 -1.34 -17.22 -25.69
C SER B 86 -1.93 -18.32 -26.61
N VAL B 87 -2.24 -19.45 -25.97
CA VAL B 87 -2.84 -20.62 -26.64
C VAL B 87 -4.00 -21.13 -25.77
N TYR B 88 -5.17 -21.21 -26.39
CA TYR B 88 -6.36 -21.77 -25.76
C TYR B 88 -6.44 -23.28 -26.08
N LEU B 89 -6.50 -24.06 -25.01
CA LEU B 89 -6.68 -25.51 -25.07
C LEU B 89 -7.99 -25.96 -24.41
N PRO B 90 -8.89 -26.59 -25.18
CA PRO B 90 -10.10 -27.10 -24.53
C PRO B 90 -9.75 -28.29 -23.64
N HIS B 91 -10.74 -28.79 -22.92
CA HIS B 91 -10.49 -29.96 -22.08
C HIS B 91 -10.31 -31.19 -22.98
N HIS B 92 -9.81 -32.28 -22.40
CA HIS B 92 -9.44 -33.52 -23.12
C HIS B 92 -8.39 -33.23 -24.23
N THR B 93 -7.44 -32.33 -23.96
CA THR B 93 -6.39 -31.99 -24.93
C THR B 93 -5.01 -32.08 -24.33
N GLU B 94 -4.30 -33.17 -24.65
CA GLU B 94 -2.92 -33.29 -24.28
C GLU B 94 -2.09 -32.29 -25.12
N ALA B 95 -1.11 -31.65 -24.48
CA ALA B 95 -0.26 -30.73 -25.18
C ALA B 95 1.18 -30.79 -24.68
N VAL B 97 4.70 -28.61 -24.59
CA VAL B 97 5.26 -27.26 -24.72
C VAL B 97 6.81 -27.39 -24.57
N THR B 98 7.55 -26.92 -25.56
CA THR B 98 9.01 -26.93 -25.56
C THR B 98 9.51 -25.49 -25.59
N ALA B 99 10.39 -25.17 -24.64
CA ALA B 99 11.06 -23.87 -24.60
C ALA B 99 12.08 -23.73 -25.76
N GLU B 100 11.86 -22.76 -26.63
CA GLU B 100 12.76 -22.41 -27.73
C GLU B 100 13.85 -21.48 -27.22
N THR B 101 13.48 -20.57 -26.34
CA THR B 101 14.41 -19.74 -25.57
C THR B 101 14.08 -20.11 -24.11
N ASP B 102 14.82 -19.52 -23.17
CA ASP B 102 14.41 -19.58 -21.76
C ASP B 102 12.96 -19.04 -21.75
N LEU B 103 12.13 -19.68 -20.95
CA LEU B 103 10.70 -19.44 -21.02
C LEU B 103 10.00 -19.35 -19.67
N GLU B 104 9.18 -18.31 -19.52
CA GLU B 104 8.31 -18.11 -18.35
C GLU B 104 6.92 -18.29 -18.87
N LEU B 105 6.36 -19.46 -18.55
CA LEU B 105 5.07 -19.92 -19.02
C LEU B 105 4.03 -20.01 -17.93
N ALA B 106 2.90 -19.30 -18.13
CA ALA B 106 1.71 -19.33 -17.24
C ALA B 106 0.70 -20.32 -17.82
N VAL B 107 0.24 -21.27 -17.01
CA VAL B 107 -0.80 -22.22 -17.39
C VAL B 107 -2.01 -21.88 -16.51
N CYS B 108 -3.02 -21.26 -17.14
CA CYS B 108 -4.27 -20.83 -16.50
C CYS B 108 -5.28 -21.94 -16.68
N SER B 109 -5.96 -22.36 -15.63
CA SER B 109 -6.88 -23.48 -15.77
C SER B 109 -8.19 -23.29 -15.01
N ALA B 110 -9.24 -23.90 -15.56
CA ALA B 110 -10.57 -23.89 -14.99
C ALA B 110 -11.36 -25.09 -15.55
N PRO B 111 -12.54 -25.37 -14.98
CA PRO B 111 -13.33 -26.47 -15.53
C PRO B 111 -13.69 -26.33 -17.01
N GLY B 112 -13.51 -27.46 -17.72
CA GLY B 112 -13.80 -27.55 -19.14
C GLY B 112 -14.89 -28.57 -19.40
N PHE B 113 -15.78 -28.21 -20.32
CA PHE B 113 -16.92 -29.07 -20.67
C PHE B 113 -17.41 -28.90 -22.10
N GLY B 114 -16.91 -27.91 -22.84
CA GLY B 114 -17.40 -27.64 -24.18
C GLY B 114 -16.60 -28.29 -25.30
N GLU B 115 -16.83 -27.81 -26.51
CA GLU B 115 -16.18 -28.39 -27.68
C GLU B 115 -15.53 -27.36 -28.60
N LEU B 116 -14.98 -26.33 -27.98
CA LEU B 116 -14.24 -25.33 -28.71
C LEU B 116 -12.93 -25.96 -29.18
N PRO B 117 -12.42 -25.50 -30.32
CA PRO B 117 -11.12 -26.01 -30.75
C PRO B 117 -9.92 -25.33 -30.08
N VAL B 118 -8.76 -25.97 -30.21
CA VAL B 118 -7.49 -25.37 -29.85
C VAL B 118 -7.39 -24.09 -30.70
N ARG B 119 -6.95 -22.97 -30.11
CA ARG B 119 -6.75 -21.78 -30.94
C ARG B 119 -5.63 -20.91 -30.42
N LEU B 120 -4.98 -20.24 -31.35
CA LEU B 120 -3.94 -19.29 -31.02
C LEU B 120 -4.57 -17.93 -30.69
N ILE B 121 -4.02 -17.27 -29.68
CA ILE B 121 -4.43 -15.90 -29.34
C ILE B 121 -3.15 -15.07 -29.45
N SER B 122 -2.87 -14.60 -30.66
CA SER B 122 -1.66 -13.83 -30.92
C SER B 122 -1.82 -12.39 -30.38
N PRO B 123 -0.68 -11.68 -30.22
CA PRO B 123 -0.77 -10.28 -29.76
C PRO B 123 -1.74 -9.43 -30.58
N GLN B 124 -1.90 -9.70 -31.89
CA GLN B 124 -2.87 -8.99 -32.71
C GLN B 124 -4.35 -9.34 -32.37
N GLU B 125 -4.64 -10.50 -31.77
CA GLU B 125 -6.01 -10.83 -31.32
C GLU B 125 -6.34 -10.30 -29.89
N VAL B 126 -5.37 -9.66 -29.22
CA VAL B 126 -5.54 -9.20 -27.84
C VAL B 126 -6.09 -7.78 -27.85
N GLY B 127 -7.22 -7.55 -27.18
CA GLY B 127 -7.77 -6.18 -27.08
C GLY B 127 -6.90 -5.39 -26.09
N VAL B 128 -6.49 -4.20 -26.52
CA VAL B 128 -5.63 -3.30 -25.76
C VAL B 128 -6.44 -2.09 -25.37
N GLU B 129 -6.43 -1.75 -24.08
CA GLU B 129 -7.13 -0.56 -23.61
C GLU B 129 -6.32 0.16 -22.52
N HIS B 130 -6.49 1.47 -22.46
CA HIS B 130 -5.84 2.35 -21.51
C HIS B 130 -6.95 2.82 -20.62
N ARG B 131 -6.99 2.27 -19.41
CA ARG B 131 -8.01 2.52 -18.45
C ARG B 131 -7.62 3.60 -17.38
N GLY B 132 -8.58 4.46 -17.03
CA GLY B 132 -8.38 5.50 -16.02
C GLY B 132 -7.65 6.75 -16.46
N GLY B 134 -4.86 9.97 -14.77
CA GLY B 134 -3.84 10.32 -13.72
C GLY B 134 -3.11 9.19 -12.95
N ARG B 135 -3.30 9.19 -11.62
CA ARG B 135 -2.71 8.17 -10.69
C ARG B 135 -3.57 6.87 -10.70
N ASN B 136 -4.54 6.85 -11.61
CA ASN B 136 -5.37 5.69 -11.78
C ASN B 136 -5.14 5.08 -13.21
N GLN B 137 -4.12 5.55 -13.97
CA GLN B 137 -3.86 5.08 -15.38
C GLN B 137 -3.22 3.70 -15.46
N ARG B 138 -3.71 2.86 -16.37
CA ARG B 138 -3.20 1.50 -16.53
C ARG B 138 -3.38 1.02 -17.96
N LEU B 139 -2.43 0.22 -18.43
CA LEU B 139 -2.46 -0.44 -19.71
C LEU B 139 -3.05 -1.83 -19.47
N VAL B 140 -4.12 -2.17 -20.22
CA VAL B 140 -4.82 -3.43 -20.04
C VAL B 140 -4.79 -4.22 -21.37
N HIS B 141 -4.42 -5.50 -21.23
CA HIS B 141 -4.39 -6.41 -22.37
C HIS B 141 -5.40 -7.56 -22.11
N ASN B 142 -6.55 -7.52 -22.80
CA ASN B 142 -7.60 -8.52 -22.65
C ASN B 142 -7.30 -9.78 -23.46
N ILE B 143 -6.49 -10.64 -22.85
CA ILE B 143 -6.05 -11.91 -23.45
C ILE B 143 -7.27 -12.82 -23.76
N LEU B 144 -8.13 -13.01 -22.77
CA LEU B 144 -9.29 -13.89 -22.92
C LEU B 144 -10.48 -13.34 -22.16
N PRO B 145 -11.14 -12.32 -22.75
CA PRO B 145 -12.27 -11.67 -22.08
C PRO B 145 -13.58 -12.42 -22.25
N ASP B 146 -14.63 -11.96 -21.58
CA ASP B 146 -15.95 -12.65 -21.66
C ASP B 146 -16.68 -12.46 -23.02
N SER B 147 -16.14 -11.59 -23.87
CA SER B 147 -16.57 -11.34 -25.24
C SER B 147 -15.90 -12.32 -26.24
N GLN B 148 -14.93 -13.10 -25.78
CA GLN B 148 -14.26 -14.13 -26.57
C GLN B 148 -14.66 -15.50 -26.02
N LEU B 149 -14.42 -16.56 -26.78
CA LEU B 149 -14.89 -17.88 -26.40
C LEU B 149 -13.98 -18.69 -25.48
N ALA B 150 -14.59 -19.23 -24.42
CA ALA B 150 -13.98 -20.18 -23.48
C ALA B 150 -15.15 -20.70 -22.62
N ASP B 151 -14.94 -21.84 -21.99
CA ASP B 151 -15.97 -22.42 -21.14
C ASP B 151 -16.11 -21.65 -19.82
N SER B 152 -14.96 -21.32 -19.25
CA SER B 152 -14.82 -20.78 -17.88
C SER B 152 -13.82 -19.64 -17.72
N LEU B 153 -12.64 -19.79 -18.32
CA LEU B 153 -11.51 -18.87 -18.16
C LEU B 153 -11.70 -17.45 -18.64
N LEU B 154 -11.25 -16.53 -17.78
CA LEU B 154 -11.15 -15.09 -18.11
C LEU B 154 -9.73 -14.74 -17.77
N VAL B 155 -9.00 -14.17 -18.73
CA VAL B 155 -7.58 -13.87 -18.56
C VAL B 155 -7.29 -12.42 -19.01
N VAL B 156 -6.51 -11.70 -18.19
CA VAL B 156 -6.16 -10.32 -18.42
C VAL B 156 -4.77 -10.05 -17.87
N GLU B 157 -4.02 -9.16 -18.51
CA GLU B 157 -2.75 -8.69 -17.92
C GLU B 157 -2.82 -7.14 -17.88
N VAL B 158 -2.28 -6.57 -16.80
CA VAL B 158 -2.38 -5.15 -16.51
C VAL B 158 -1.01 -4.58 -16.09
N TYR B 159 -0.70 -3.40 -16.64
CA TYR B 159 0.51 -2.61 -16.33
C TYR B 159 0.18 -1.36 -15.55
N THR B 160 0.78 -1.26 -14.36
CA THR B 160 0.56 -0.13 -13.44
C THR B 160 1.89 0.48 -13.16
N ASN B 161 2.07 1.69 -13.63
CA ASN B 161 3.34 2.36 -13.45
C ASN B 161 3.47 2.89 -12.02
N ALA B 162 4.70 2.88 -11.55
CA ALA B 162 5.05 3.27 -10.19
C ALA B 162 4.32 4.54 -9.75
N GLY B 163 3.57 4.51 -8.64
N GLY B 163 3.64 4.40 -8.60
CA GLY B 163 2.83 5.75 -8.21
CA GLY B 163 2.85 5.45 -7.99
C GLY B 163 1.37 5.82 -8.66
C GLY B 163 1.36 5.16 -8.07
N ALA B 164 0.91 4.75 -9.28
CA ALA B 164 -0.49 4.57 -9.62
C ALA B 164 -1.11 3.45 -8.84
N THR B 165 -2.44 3.53 -8.68
CA THR B 165 -3.23 2.51 -8.05
C THR B 165 -4.06 1.78 -9.13
N SER B 166 -4.10 0.45 -9.10
CA SER B 166 -4.94 -0.31 -10.04
C SER B 166 -5.83 -1.27 -9.29
N SER B 167 -6.70 -1.95 -10.04
CA SER B 167 -7.80 -2.77 -9.49
C SER B 167 -8.57 -1.82 -8.56
N TRP B 168 -8.71 -0.59 -9.03
CA TRP B 168 -9.15 0.52 -8.21
C TRP B 168 -9.83 1.53 -9.15
N PRO B 169 -10.96 2.13 -8.75
CA PRO B 169 -11.72 2.05 -7.51
C PRO B 169 -12.09 0.61 -7.16
N ALA B 170 -12.05 0.31 -5.87
CA ALA B 170 -12.27 -1.05 -5.35
C ALA B 170 -13.57 -1.69 -5.90
N HIS B 171 -13.41 -2.92 -6.38
CA HIS B 171 -14.50 -3.74 -6.93
C HIS B 171 -14.42 -5.14 -6.33
N HIS B 173 -16.26 -9.24 -6.96
CA HIS B 173 -16.99 -10.20 -7.77
C HIS B 173 -16.96 -11.50 -6.97
N ASP B 174 -17.70 -11.50 -5.86
CA ASP B 174 -17.62 -12.64 -4.94
C ASP B 174 -18.94 -13.30 -4.56
N THR B 175 -20.04 -12.82 -5.16
CA THR B 175 -21.38 -13.26 -4.88
C THR B 175 -22.20 -13.20 -6.15
N ALA B 176 -22.98 -14.27 -6.39
CA ALA B 176 -23.99 -14.29 -7.45
C ALA B 176 -25.19 -13.42 -7.05
N VAL B 177 -25.29 -12.24 -7.68
CA VAL B 177 -26.38 -11.27 -7.50
C VAL B 177 -26.88 -10.97 -8.93
N GLU B 178 -27.96 -11.62 -9.34
CA GLU B 178 -28.45 -11.56 -10.74
C GLU B 178 -28.49 -10.13 -11.33
N GLY B 179 -27.78 -9.98 -12.45
CA GLY B 179 -27.66 -8.70 -13.15
C GLY B 179 -26.74 -7.65 -12.55
N GLN B 180 -26.14 -7.93 -11.40
N GLN B 180 -26.11 -7.96 -11.42
CA GLN B 180 -25.24 -6.99 -10.71
CA GLN B 180 -25.28 -7.00 -10.71
C GLN B 180 -23.82 -7.51 -10.52
C GLN B 180 -23.84 -7.49 -10.49
N GLU B 181 -23.69 -8.77 -10.10
CA GLU B 181 -22.40 -9.30 -9.72
C GLU B 181 -22.35 -10.81 -9.92
N THR B 182 -21.15 -11.30 -10.22
CA THR B 182 -20.91 -12.73 -10.33
C THR B 182 -19.84 -13.14 -9.35
N TYR B 183 -19.90 -14.40 -8.94
CA TYR B 183 -18.84 -15.02 -8.17
C TYR B 183 -17.71 -15.42 -9.15
N LEU B 184 -16.53 -14.83 -8.96
CA LEU B 184 -15.34 -15.11 -9.75
C LEU B 184 -14.16 -15.14 -8.82
N GLU B 185 -13.55 -16.32 -8.71
CA GLU B 185 -12.25 -16.44 -8.02
C GLU B 185 -11.25 -15.72 -8.89
N GLU B 186 -10.26 -15.09 -8.25
CA GLU B 186 -9.24 -14.38 -9.00
C GLU B 186 -7.85 -14.59 -8.43
N THR B 187 -6.92 -14.83 -9.34
CA THR B 187 -5.49 -14.87 -9.00
C THR B 187 -4.75 -13.67 -9.66
N TYR B 188 -3.72 -13.20 -8.95
CA TYR B 188 -2.77 -12.17 -9.39
C TYR B 188 -1.36 -12.75 -9.39
N TYR B 189 -0.68 -12.66 -10.53
CA TYR B 189 0.72 -13.06 -10.66
C TYR B 189 1.49 -11.77 -10.96
N HIS B 190 2.25 -11.31 -9.96
CA HIS B 190 2.93 -10.00 -10.01
C HIS B 190 4.39 -10.03 -10.45
N ARG B 191 4.76 -8.98 -11.18
CA ARG B 191 6.13 -8.74 -11.69
C ARG B 191 6.49 -7.27 -11.47
N PHE B 192 7.78 -7.01 -11.26
CA PHE B 192 8.32 -5.68 -10.99
C PHE B 192 9.53 -5.34 -11.85
N ASN B 193 9.61 -4.05 -12.18
CA ASN B 193 10.75 -3.50 -12.88
C ASN B 193 11.14 -2.18 -12.22
N PRO B 194 12.36 -2.08 -11.61
CA PRO B 194 13.38 -3.14 -11.44
C PRO B 194 12.85 -4.31 -10.61
N PRO B 195 13.49 -5.48 -10.76
CA PRO B 195 12.99 -6.75 -10.20
C PRO B 195 12.91 -6.89 -8.66
N GLN B 196 13.67 -6.09 -7.92
CA GLN B 196 13.69 -6.16 -6.43
C GLN B 196 12.51 -5.39 -5.77
N GLY B 197 11.61 -4.82 -6.58
CA GLY B 197 10.48 -4.05 -6.06
C GLY B 197 9.36 -4.83 -5.41
N PHE B 198 8.40 -4.08 -4.89
CA PHE B 198 7.20 -4.65 -4.31
C PHE B 198 6.07 -3.63 -4.49
N CYS B 199 4.85 -4.14 -4.30
CA CYS B 199 3.65 -3.35 -4.24
C CYS B 199 2.93 -3.78 -2.96
N LEU B 200 1.89 -3.04 -2.60
CA LEU B 200 1.04 -3.38 -1.48
C LEU B 200 -0.37 -3.68 -2.01
N GLN B 201 -0.85 -4.90 -1.82
CA GLN B 201 -2.19 -5.32 -2.27
C GLN B 201 -3.04 -5.60 -1.03
N ARG B 202 -4.25 -5.05 -1.02
CA ARG B 202 -5.14 -5.24 0.10
C ARG B 202 -6.40 -5.98 -0.35
N VAL B 203 -6.74 -7.09 0.32
CA VAL B 203 -7.97 -7.86 0.03
C VAL B 203 -8.86 -7.66 1.28
N TYR B 204 -10.03 -7.07 1.07
CA TYR B 204 -10.94 -6.73 2.19
C TYR B 204 -12.42 -6.72 1.82
N THR B 205 -13.25 -7.03 2.81
CA THR B 205 -14.69 -6.99 2.65
C THR B 205 -15.22 -5.70 3.26
N ASP B 206 -16.45 -5.35 2.91
CA ASP B 206 -17.14 -4.18 3.47
C ASP B 206 -17.16 -4.24 4.99
N ASP B 207 -17.50 -5.40 5.57
CA ASP B 207 -17.54 -5.54 7.04
C ASP B 207 -16.15 -5.71 7.72
N ARG B 208 -15.11 -5.83 6.91
CA ARG B 208 -13.71 -6.02 7.32
C ARG B 208 -13.43 -7.34 8.07
N SER B 209 -14.36 -8.31 7.97
CA SER B 209 -14.18 -9.66 8.54
C SER B 209 -12.96 -10.29 7.86
N LEU B 210 -12.75 -9.93 6.58
CA LEU B 210 -11.52 -10.20 5.87
C LEU B 210 -10.87 -8.84 5.61
N ASP B 211 -9.62 -8.64 6.04
CA ASP B 211 -8.89 -7.41 5.73
C ASP B 211 -7.42 -7.70 5.88
N GLU B 212 -6.80 -8.06 4.76
CA GLU B 212 -5.43 -8.47 4.69
C GLU B 212 -4.64 -7.63 3.70
N CYS B 213 -3.59 -6.96 4.18
N CYS B 213 -3.57 -6.99 4.19
CA CYS B 213 -2.69 -6.21 3.30
CA CYS B 213 -2.65 -6.25 3.36
C CYS B 213 -1.40 -7.03 3.16
C CYS B 213 -1.37 -7.06 3.26
N ALA B 215 2.67 -7.26 1.24
CA ALA B 215 3.81 -6.72 0.46
C ALA B 215 4.14 -7.84 -0.54
N VAL B 216 3.90 -7.57 -1.82
CA VAL B 216 4.02 -8.52 -2.91
C VAL B 216 5.29 -8.23 -3.69
N TYR B 217 6.15 -9.25 -3.85
CA TYR B 217 7.41 -9.14 -4.55
C TYR B 217 7.37 -9.89 -5.89
N ASN B 218 8.47 -9.84 -6.63
CA ASN B 218 8.56 -10.39 -8.00
C ASN B 218 8.27 -11.90 -8.06
N ARG B 219 7.27 -12.24 -8.89
CA ARG B 219 6.75 -13.59 -9.15
C ARG B 219 5.87 -14.18 -8.04
N ASP B 220 5.46 -13.34 -7.10
CA ASP B 220 4.50 -13.74 -6.07
C ASP B 220 3.08 -13.80 -6.66
N VAL B 221 2.26 -14.69 -6.09
CA VAL B 221 0.85 -14.79 -6.38
C VAL B 221 0.00 -14.32 -5.16
N VAL B 222 -1.06 -13.56 -5.46
CA VAL B 222 -2.10 -13.21 -4.51
C VAL B 222 -3.38 -13.89 -4.98
N VAL B 224 -7.50 -14.06 -4.48
CA VAL B 224 -8.65 -13.23 -4.12
C VAL B 224 -9.92 -14.12 -4.07
N PRO B 225 -10.19 -14.71 -2.89
CA PRO B 225 -11.38 -15.57 -2.75
C PRO B 225 -12.71 -14.80 -2.60
N GLY B 227 -14.08 -10.26 -1.72
CA GLY B 227 -13.80 -8.88 -1.38
C GLY B 227 -13.16 -8.01 -2.45
N TYR B 228 -12.96 -6.76 -2.03
CA TYR B 228 -12.24 -5.73 -2.78
C TYR B 228 -10.76 -6.08 -2.79
N HIS B 229 -10.01 -5.66 -3.81
CA HIS B 229 -8.62 -6.12 -3.95
C HIS B 229 -7.70 -5.17 -4.72
N PRO B 230 -7.66 -3.87 -4.29
CA PRO B 230 -6.78 -2.89 -4.98
C PRO B 230 -5.27 -3.12 -4.79
N VAL B 231 -4.52 -2.58 -5.73
CA VAL B 231 -3.05 -2.69 -5.79
C VAL B 231 -2.43 -1.28 -5.75
N ALA B 232 -1.65 -1.01 -4.71
CA ALA B 232 -0.94 0.26 -4.55
C ALA B 232 0.51 0.03 -4.91
N THR B 233 0.99 0.64 -6.00
CA THR B 233 2.39 0.53 -6.43
C THR B 233 3.23 1.58 -5.67
N ILE B 234 4.55 1.35 -5.70
CA ILE B 234 5.56 2.06 -4.93
C ILE B 234 6.47 2.84 -5.88
N ALA B 235 6.73 4.11 -5.55
CA ALA B 235 7.61 4.98 -6.33
C ALA B 235 8.94 4.23 -6.67
N GLY B 236 9.28 4.21 -7.95
CA GLY B 236 10.49 3.54 -8.45
C GLY B 236 10.32 2.16 -9.02
N TYR B 237 9.19 1.52 -8.71
CA TYR B 237 8.93 0.14 -9.13
C TYR B 237 7.65 -0.03 -9.95
N ASP B 238 7.82 -0.15 -11.27
CA ASP B 238 6.71 -0.45 -12.17
C ASP B 238 6.22 -1.88 -11.88
N ASN B 239 4.90 -2.06 -12.01
CA ASN B 239 4.21 -3.31 -11.70
C ASN B 239 3.51 -3.84 -12.94
N TYR B 240 3.42 -5.16 -12.98
CA TYR B 240 2.72 -5.93 -13.95
C TYR B 240 2.00 -7.04 -13.21
N TYR B 241 0.79 -7.37 -13.64
CA TYR B 241 0.16 -8.59 -13.16
C TYR B 241 -0.67 -9.26 -14.22
N LEU B 242 -0.66 -10.59 -14.09
CA LEU B 242 -1.41 -11.51 -14.93
C LEU B 242 -2.52 -12.11 -14.06
N ASN B 243 -3.76 -11.94 -14.50
CA ASN B 243 -4.94 -12.38 -13.75
C ASN B 243 -5.72 -13.46 -14.45
N VAL B 244 -6.19 -14.41 -13.65
CA VAL B 244 -7.08 -15.45 -14.10
C VAL B 244 -8.33 -15.42 -13.25
N ALA B 246 -12.46 -17.34 -12.88
CA ALA B 246 -13.46 -18.32 -13.27
C ALA B 246 -14.49 -18.47 -12.14
N GLY B 247 -15.68 -18.93 -12.52
CA GLY B 247 -16.79 -19.18 -11.61
C GLY B 247 -17.87 -19.95 -12.33
N PRO B 248 -19.07 -20.08 -11.71
CA PRO B 248 -20.14 -20.82 -12.37
C PRO B 248 -20.72 -20.16 -13.62
N LEU B 249 -20.60 -18.84 -13.71
CA LEU B 249 -21.13 -18.06 -14.83
C LEU B 249 -20.02 -17.18 -15.36
N ARG B 250 -19.71 -17.39 -16.64
CA ARG B 250 -18.59 -16.72 -17.26
C ARG B 250 -19.00 -15.33 -17.78
N TRP B 252 -18.10 -11.15 -16.43
CA TRP B 252 -17.42 -10.26 -15.50
C TRP B 252 -18.40 -9.16 -15.08
N ARG B 253 -19.04 -9.36 -13.92
CA ARG B 253 -19.98 -8.41 -13.33
C ARG B 253 -19.48 -8.18 -11.92
N PHE B 254 -19.21 -6.92 -11.61
CA PHE B 254 -18.65 -6.56 -10.30
C PHE B 254 -19.45 -5.42 -9.69
N THR B 255 -19.22 -5.20 -8.38
CA THR B 255 -19.81 -4.14 -7.65
C THR B 255 -18.70 -3.26 -7.10
N TRP B 256 -18.82 -1.95 -7.30
CA TRP B 256 -17.88 -0.99 -6.73
C TRP B 256 -18.17 -0.69 -5.24
N GLU B 257 -17.11 -0.60 -4.43
CA GLU B 257 -17.24 -0.18 -3.01
C GLU B 257 -17.83 1.24 -3.06
N GLU B 258 -18.93 1.48 -2.35
CA GLU B 258 -19.66 2.72 -2.55
C GLU B 258 -18.87 3.97 -2.15
N ASN B 259 -18.03 3.88 -1.12
CA ASN B 259 -17.24 5.04 -0.65
C ASN B 259 -16.25 5.63 -1.67
N HIS B 260 -15.81 4.80 -2.60
CA HIS B 260 -14.79 5.18 -3.60
C HIS B 260 -15.30 5.23 -5.05
N ALA B 261 -16.58 4.91 -5.26
CA ALA B 261 -17.17 4.88 -6.61
C ALA B 261 -17.04 6.23 -7.35
N TRP B 262 -17.07 7.37 -6.61
CA TRP B 262 -16.88 8.74 -7.17
C TRP B 262 -15.59 8.93 -7.98
N ILE B 263 -14.59 8.07 -7.77
CA ILE B 263 -13.30 8.13 -8.48
C ILE B 263 -13.50 7.78 -9.98
N ASN B 264 -14.55 7.02 -10.29
CA ASN B 264 -14.98 6.78 -11.70
C ASN B 264 -15.60 8.00 -12.38
N SER B 265 -16.38 8.81 -11.65
CA SER B 265 -16.97 10.05 -12.20
C SER B 265 -15.96 10.92 -12.93
#